data_3G5Q
#
_entry.id   3G5Q
#
_cell.length_a   68.355
_cell.length_b   75.370
_cell.length_c   156.089
_cell.angle_alpha   90.00
_cell.angle_beta   90.00
_cell.angle_gamma   90.00
#
_symmetry.space_group_name_H-M   'C 2 2 21'
#
loop_
_entity.id
_entity.type
_entity.pdbx_description
1 polymer 'Methylenetetrahydrofolate--tRNA-(uracil-5-)-methyltransferase trmFO'
2 non-polymer 'FLAVIN-ADENINE DINUCLEOTIDE'
3 non-polymer (4R)-2-METHYLPENTANE-2,4-DIOL
4 water water
#
_entity_poly.entity_id   1
_entity_poly.type   'polypeptide(L)'
_entity_poly.pdbx_seq_one_letter_code
;MERVNVVGAGLAGSEAAWTLLRLGVPVRLFEMRPKRMTPAHGTDRFAEIVCSNSLGGEGETNAKGLLQAEMRRAGSLVME
AADLARVPAGGALAVDREEFSGYITERLTGHPLLEVVREEVREIPPGITVLATGPLTSEALAEALKRRFGDHFLAYYDAA
SPIVLYESIDLTKCFRAGRYGQSADYLNCPMTEEEYRRFHQALLEAQRHTPHDWEKLEFFEACVPVEELARRGYQTLLFG
PMKPVGLVDPRTGKEPFAVVQLRQEDKAGRMWSLVGFQTGLKWPEQKRLIQMIPGLENAEIVRYGVMHRNTYLNAPRLLG
ETLEFREAEGLYAAGVLAGVEGYLESAATGFLAGLNAARKALGLPPVAPPEESMLGGLVRYLATANPEGFQPMYANWGLV
PPVEGRMGKKEKRQAMYRRGLEAFSAWLSGLNPPLPRPEAALV
;
_entity_poly.pdbx_strand_id   A
#
loop_
_chem_comp.id
_chem_comp.type
_chem_comp.name
_chem_comp.formula
FAD non-polymer 'FLAVIN-ADENINE DINUCLEOTIDE' 'C27 H33 N9 O15 P2'
MRD non-polymer (4R)-2-METHYLPENTANE-2,4-DIOL 'C6 H14 O2'
#
# COMPACT_ATOMS: atom_id res chain seq x y z
N MET A 1 -20.41 -25.61 -1.03
CA MET A 1 -19.72 -26.10 0.17
C MET A 1 -20.09 -25.28 1.39
N GLU A 2 -19.35 -24.20 1.63
CA GLU A 2 -19.68 -23.23 2.65
C GLU A 2 -19.81 -21.88 1.97
N ARG A 3 -20.79 -21.07 2.36
CA ARG A 3 -20.92 -19.73 1.80
C ARG A 3 -19.90 -18.84 2.49
N VAL A 4 -19.08 -18.15 1.72
CA VAL A 4 -18.06 -17.26 2.29
C VAL A 4 -18.56 -15.83 2.44
N ASN A 5 -18.29 -15.22 3.61
CA ASN A 5 -18.62 -13.81 3.83
C ASN A 5 -17.60 -12.85 3.24
N VAL A 6 -18.08 -11.79 2.61
CA VAL A 6 -17.22 -10.70 2.17
C VAL A 6 -17.82 -9.42 2.71
N VAL A 7 -17.08 -8.72 3.56
CA VAL A 7 -17.61 -7.53 4.20
C VAL A 7 -17.06 -6.28 3.52
N GLY A 8 -17.93 -5.60 2.79
CA GLY A 8 -17.58 -4.38 2.08
C GLY A 8 -17.56 -4.64 0.59
N ALA A 9 -18.33 -3.86 -0.17
CA ALA A 9 -18.41 -4.04 -1.61
C ALA A 9 -17.75 -2.89 -2.35
N GLY A 10 -16.54 -2.54 -1.94
CA GLY A 10 -15.79 -1.51 -2.62
C GLY A 10 -14.90 -2.12 -3.67
N LEU A 11 -13.75 -1.52 -3.91
CA LEU A 11 -12.80 -2.04 -4.88
C LEU A 11 -12.34 -3.47 -4.51
N ALA A 12 -11.86 -3.63 -3.28
CA ALA A 12 -11.32 -4.91 -2.82
C ALA A 12 -12.41 -5.97 -2.60
N GLY A 13 -13.50 -5.59 -1.95
CA GLY A 13 -14.61 -6.50 -1.69
C GLY A 13 -15.24 -7.03 -2.97
N SER A 14 -15.40 -6.17 -3.96
CA SER A 14 -15.98 -6.58 -5.24
C SER A 14 -15.11 -7.61 -5.96
N GLU A 15 -13.80 -7.40 -5.95
CA GLU A 15 -12.92 -8.35 -6.61
C GLU A 15 -12.82 -9.68 -5.83
N ALA A 16 -12.82 -9.60 -4.52
CA ALA A 16 -12.81 -10.83 -3.71
C ALA A 16 -14.03 -11.68 -4.02
N ALA A 17 -15.22 -11.09 -3.89
CA ALA A 17 -16.47 -11.78 -4.19
C ALA A 17 -16.42 -12.42 -5.56
N TRP A 18 -16.01 -11.64 -6.56
CA TRP A 18 -15.94 -12.16 -7.91
C TRP A 18 -15.02 -13.37 -7.99
N THR A 19 -13.90 -13.32 -7.29
CA THR A 19 -12.93 -14.40 -7.37
C THR A 19 -13.51 -15.68 -6.76
N LEU A 20 -14.20 -15.53 -5.65
CA LEU A 20 -14.90 -16.64 -5.03
C LEU A 20 -15.90 -17.24 -6.02
N LEU A 21 -16.69 -16.39 -6.65
CA LEU A 21 -17.72 -16.84 -7.59
C LEU A 21 -17.10 -17.58 -8.78
N ARG A 22 -16.01 -17.05 -9.31
CA ARG A 22 -15.32 -17.66 -10.44
C ARG A 22 -14.90 -19.09 -10.11
N LEU A 23 -14.71 -19.35 -8.82
CA LEU A 23 -14.30 -20.69 -8.40
C LEU A 23 -15.48 -21.51 -7.86
N GLY A 24 -16.69 -21.04 -8.15
CA GLY A 24 -17.90 -21.76 -7.78
C GLY A 24 -18.19 -21.74 -6.30
N VAL A 25 -17.57 -20.83 -5.56
CA VAL A 25 -17.87 -20.70 -4.14
C VAL A 25 -18.91 -19.61 -3.90
N PRO A 26 -19.98 -19.96 -3.17
CA PRO A 26 -21.09 -19.04 -2.90
C PRO A 26 -20.63 -17.94 -1.94
N VAL A 27 -21.18 -16.74 -2.09
CA VAL A 27 -20.73 -15.58 -1.32
C VAL A 27 -21.88 -14.88 -0.64
N ARG A 28 -21.64 -14.42 0.58
CA ARG A 28 -22.55 -13.48 1.22
C ARG A 28 -21.83 -12.13 1.32
N LEU A 29 -22.25 -11.16 0.51
CA LEU A 29 -21.59 -9.87 0.40
C LEU A 29 -22.33 -8.80 1.19
N PHE A 30 -21.71 -8.32 2.26
CA PHE A 30 -22.29 -7.28 3.09
C PHE A 30 -21.84 -5.91 2.57
N GLU A 31 -22.79 -4.99 2.45
CA GLU A 31 -22.46 -3.60 2.14
C GLU A 31 -23.44 -2.71 2.88
N MET A 32 -22.91 -1.83 3.73
CA MET A 32 -23.78 -0.98 4.55
C MET A 32 -24.44 0.13 3.75
N ARG A 33 -23.85 0.50 2.62
CA ARG A 33 -24.46 1.53 1.80
C ARG A 33 -25.69 0.92 1.14
N PRO A 34 -26.81 1.66 1.09
CA PRO A 34 -27.02 3.05 1.50
C PRO A 34 -27.61 3.21 2.91
N LYS A 35 -27.83 2.11 3.63
CA LYS A 35 -28.35 2.21 4.98
C LYS A 35 -27.48 3.14 5.81
N ARG A 36 -26.16 2.99 5.65
CA ARG A 36 -25.20 3.92 6.25
C ARG A 36 -24.17 4.31 5.18
N MET A 37 -23.94 5.61 5.02
CA MET A 37 -22.98 6.11 4.06
C MET A 37 -21.66 6.42 4.73
N THR A 38 -20.56 6.37 3.97
CA THR A 38 -19.30 6.92 4.43
C THR A 38 -19.28 8.40 4.05
N PRO A 39 -18.39 9.17 4.68
CA PRO A 39 -18.18 10.58 4.33
C PRO A 39 -17.72 10.81 2.88
N ALA A 40 -17.36 9.77 2.15
CA ALA A 40 -16.81 9.95 0.81
C ALA A 40 -17.67 9.34 -0.30
N HIS A 41 -18.56 8.42 0.06
CA HIS A 41 -19.41 7.73 -0.93
C HIS A 41 -20.71 8.49 -1.16
N GLY A 42 -21.23 8.44 -2.37
CA GLY A 42 -22.50 9.07 -2.68
C GLY A 42 -23.52 8.15 -3.33
N THR A 43 -23.15 6.89 -3.54
CA THR A 43 -24.06 5.95 -4.19
C THR A 43 -24.19 4.65 -3.40
N ASP A 44 -24.92 3.70 -3.97
CA ASP A 44 -25.04 2.39 -3.35
C ASP A 44 -24.40 1.33 -4.23
N ARG A 45 -23.66 1.80 -5.24
CA ARG A 45 -23.00 0.92 -6.20
C ARG A 45 -21.74 0.27 -5.62
N PHE A 46 -21.50 -0.96 -6.03
CA PHE A 46 -20.32 -1.69 -5.64
C PHE A 46 -19.14 -1.05 -6.35
N ALA A 47 -18.01 -0.93 -5.67
CA ALA A 47 -16.79 -0.44 -6.29
C ALA A 47 -16.95 1.00 -6.80
N GLU A 48 -17.76 1.79 -6.10
CA GLU A 48 -17.82 3.21 -6.39
C GLU A 48 -16.41 3.80 -6.28
N ILE A 49 -16.01 4.59 -7.27
CA ILE A 49 -14.76 5.32 -7.26
C ILE A 49 -15.01 6.70 -6.64
N VAL A 50 -14.46 6.96 -5.45
CA VAL A 50 -14.85 8.17 -4.71
C VAL A 50 -14.09 9.45 -5.06
N CYS A 51 -13.03 9.34 -5.85
CA CYS A 51 -12.22 10.54 -6.14
C CYS A 51 -11.70 10.54 -7.58
N SER A 52 -10.39 10.57 -7.77
CA SER A 52 -9.82 10.50 -9.11
C SER A 52 -10.35 9.31 -9.91
N ASN A 53 -10.53 9.48 -11.21
CA ASN A 53 -10.92 8.38 -12.07
C ASN A 53 -9.74 7.64 -12.70
N SER A 54 -8.53 7.89 -12.21
CA SER A 54 -7.34 7.20 -12.71
C SER A 54 -6.95 5.95 -11.92
N LEU A 55 -6.68 4.85 -12.61
CA LEU A 55 -6.16 3.66 -11.95
C LEU A 55 -4.62 3.60 -11.99
N GLY A 56 -4.00 4.67 -12.48
CA GLY A 56 -2.55 4.75 -12.50
C GLY A 56 -1.96 4.65 -13.89
N GLY A 57 -0.66 4.90 -14.00
CA GLY A 57 0.03 4.82 -15.28
C GLY A 57 0.03 3.39 -15.79
N GLU A 58 -0.11 3.22 -17.09
CA GLU A 58 -0.14 1.87 -17.64
C GLU A 58 1.14 1.47 -18.40
N GLY A 59 2.11 2.37 -18.48
CA GLY A 59 3.35 2.10 -19.19
C GLY A 59 4.21 0.98 -18.59
N GLU A 60 5.13 0.45 -19.39
CA GLU A 60 5.94 -0.69 -18.97
C GLU A 60 7.11 -0.31 -18.07
N THR A 61 7.14 0.94 -17.63
CA THR A 61 8.11 1.36 -16.62
C THR A 61 7.37 1.80 -15.36
N ASN A 62 6.06 1.64 -15.37
N ASN A 62 6.06 1.58 -15.37
CA ASN A 62 5.23 1.99 -14.23
CA ASN A 62 5.20 1.96 -14.25
C ASN A 62 4.83 0.76 -13.42
C ASN A 62 4.82 0.74 -13.42
N ALA A 63 5.07 0.80 -12.11
CA ALA A 63 4.77 -0.33 -11.21
C ALA A 63 3.27 -0.62 -11.16
N LYS A 64 2.48 0.44 -11.21
CA LYS A 64 1.03 0.31 -11.28
C LYS A 64 0.65 -0.31 -12.61
N GLY A 65 1.43 0.00 -13.64
CA GLY A 65 1.23 -0.57 -14.96
C GLY A 65 1.40 -2.07 -14.93
N LEU A 66 2.40 -2.55 -14.19
CA LEU A 66 2.64 -3.98 -14.08
C LEU A 66 1.48 -4.65 -13.34
N LEU A 67 0.98 -3.98 -12.32
CA LEU A 67 -0.12 -4.53 -11.53
C LEU A 67 -1.39 -4.62 -12.37
N GLN A 68 -1.65 -3.58 -13.15
CA GLN A 68 -2.75 -3.64 -14.13
C GLN A 68 -2.62 -4.85 -15.04
N ALA A 69 -1.44 -5.06 -15.61
CA ALA A 69 -1.22 -6.20 -16.50
C ALA A 69 -1.43 -7.55 -15.84
N GLU A 70 -0.96 -7.69 -14.60
CA GLU A 70 -1.17 -8.91 -13.81
C GLU A 70 -2.65 -9.14 -13.56
N MET A 71 -3.37 -8.10 -13.18
CA MET A 71 -4.80 -8.26 -12.90
C MET A 71 -5.59 -8.56 -14.17
N ARG A 72 -5.14 -8.01 -15.30
CA ARG A 72 -5.74 -8.31 -16.59
C ARG A 72 -5.50 -9.80 -16.92
N ARG A 73 -4.26 -10.24 -16.76
CA ARG A 73 -3.93 -11.64 -16.98
C ARG A 73 -4.77 -12.54 -16.06
N ALA A 74 -5.07 -12.07 -14.86
CA ALA A 74 -5.84 -12.85 -13.91
C ALA A 74 -7.34 -12.86 -14.19
N GLY A 75 -7.77 -12.09 -15.18
CA GLY A 75 -9.19 -12.00 -15.53
C GLY A 75 -9.98 -11.24 -14.49
N SER A 76 -9.34 -10.25 -13.88
CA SER A 76 -9.95 -9.41 -12.85
C SER A 76 -11.23 -8.69 -13.32
N LEU A 77 -12.25 -8.69 -12.49
CA LEU A 77 -13.50 -7.97 -12.79
C LEU A 77 -13.23 -6.46 -12.86
N VAL A 78 -12.41 -5.96 -11.93
CA VAL A 78 -12.08 -4.54 -11.93
C VAL A 78 -11.38 -4.12 -13.23
N MET A 79 -10.46 -4.94 -13.73
CA MET A 79 -9.77 -4.61 -14.99
C MET A 79 -10.71 -4.74 -16.18
N GLU A 80 -11.61 -5.71 -16.12
CA GLU A 80 -12.59 -5.93 -17.17
C GLU A 80 -13.47 -4.69 -17.26
N ALA A 81 -13.94 -4.23 -16.10
CA ALA A 81 -14.76 -3.02 -16.02
C ALA A 81 -13.97 -1.81 -16.52
N ALA A 82 -12.71 -1.74 -16.12
CA ALA A 82 -11.90 -0.57 -16.45
C ALA A 82 -11.67 -0.47 -17.96
N ASP A 83 -11.36 -1.60 -18.60
CA ASP A 83 -11.15 -1.64 -20.04
C ASP A 83 -12.41 -1.25 -20.81
N LEU A 84 -13.57 -1.67 -20.33
CA LEU A 84 -14.84 -1.30 -20.93
C LEU A 84 -15.17 0.18 -20.74
N ALA A 85 -14.87 0.71 -19.55
CA ALA A 85 -15.23 2.08 -19.22
C ALA A 85 -14.09 3.08 -19.46
N ARG A 86 -13.03 2.63 -20.11
CA ARG A 86 -11.87 3.47 -20.32
C ARG A 86 -12.20 4.76 -21.09
N VAL A 87 -11.63 5.88 -20.65
CA VAL A 87 -11.67 7.13 -21.40
C VAL A 87 -10.24 7.59 -21.61
N PRO A 88 -9.98 8.27 -22.73
CA PRO A 88 -8.62 8.74 -23.02
C PRO A 88 -8.05 9.64 -21.92
N ALA A 89 -6.82 9.32 -21.51
CA ALA A 89 -6.11 10.09 -20.48
C ALA A 89 -4.64 9.74 -20.61
N GLY A 90 -3.91 10.54 -21.38
CA GLY A 90 -2.56 10.21 -21.78
C GLY A 90 -1.63 9.68 -20.71
N GLY A 91 -1.27 8.41 -20.83
CA GLY A 91 -0.34 7.79 -19.90
C GLY A 91 -1.04 6.88 -18.90
N ALA A 92 -2.19 7.32 -18.44
CA ALA A 92 -2.91 6.62 -17.37
C ALA A 92 -4.08 5.81 -17.89
N LEU A 93 -4.49 4.83 -17.09
CA LEU A 93 -5.72 4.11 -17.34
C LEU A 93 -6.79 4.82 -16.54
N ALA A 94 -7.65 5.59 -17.22
CA ALA A 94 -8.73 6.31 -16.54
C ALA A 94 -10.09 5.84 -17.04
N VAL A 95 -11.09 5.94 -16.17
CA VAL A 95 -12.40 5.37 -16.47
C VAL A 95 -13.56 6.36 -16.30
N ASP A 96 -14.65 6.08 -17.01
CA ASP A 96 -15.94 6.67 -16.71
C ASP A 96 -16.40 5.98 -15.43
N ARG A 97 -16.44 6.72 -14.33
CA ARG A 97 -16.67 6.13 -13.01
C ARG A 97 -18.04 5.47 -12.81
N GLU A 98 -19.09 6.06 -13.36
CA GLU A 98 -20.43 5.49 -13.23
C GLU A 98 -20.58 4.20 -14.04
N GLU A 99 -20.07 4.22 -15.26
CA GLU A 99 -20.06 3.01 -16.09
C GLU A 99 -19.29 1.88 -15.41
N PHE A 100 -18.15 2.24 -14.84
CA PHE A 100 -17.28 1.31 -14.13
C PHE A 100 -18.03 0.61 -12.99
N SER A 101 -18.55 1.38 -12.04
CA SER A 101 -19.20 0.77 -10.87
C SER A 101 -20.55 0.15 -11.22
N GLY A 102 -21.20 0.68 -12.24
CA GLY A 102 -22.46 0.13 -12.70
C GLY A 102 -22.25 -1.27 -13.27
N TYR A 103 -21.22 -1.41 -14.11
CA TYR A 103 -20.89 -2.70 -14.71
C TYR A 103 -20.53 -3.72 -13.63
N ILE A 104 -19.69 -3.31 -12.69
CA ILE A 104 -19.29 -4.20 -11.60
C ILE A 104 -20.48 -4.60 -10.75
N THR A 105 -21.36 -3.64 -10.46
CA THR A 105 -22.55 -3.91 -9.65
C THR A 105 -23.49 -4.90 -10.34
N GLU A 106 -23.77 -4.68 -11.62
CA GLU A 106 -24.61 -5.59 -12.38
C GLU A 106 -24.06 -7.02 -12.43
N ARG A 107 -22.76 -7.15 -12.69
CA ARG A 107 -22.16 -8.48 -12.85
C ARG A 107 -22.25 -9.29 -11.57
N LEU A 108 -21.99 -8.64 -10.44
CA LEU A 108 -22.04 -9.31 -9.14
C LEU A 108 -23.46 -9.65 -8.72
N THR A 109 -24.32 -8.65 -8.74
CA THR A 109 -25.69 -8.79 -8.27
C THR A 109 -26.47 -9.83 -9.09
N GLY A 110 -26.12 -9.99 -10.36
CA GLY A 110 -26.85 -10.89 -11.23
C GLY A 110 -26.36 -12.32 -11.16
N HIS A 111 -25.29 -12.56 -10.40
CA HIS A 111 -24.73 -13.90 -10.29
C HIS A 111 -25.52 -14.68 -9.25
N PRO A 112 -25.98 -15.88 -9.62
CA PRO A 112 -26.82 -16.74 -8.79
C PRO A 112 -26.14 -17.17 -7.49
N LEU A 113 -24.82 -17.31 -7.51
CA LEU A 113 -24.11 -17.74 -6.30
C LEU A 113 -23.90 -16.60 -5.29
N LEU A 114 -24.37 -15.41 -5.64
CA LEU A 114 -24.10 -14.21 -4.84
C LEU A 114 -25.34 -13.73 -4.09
N GLU A 115 -25.19 -13.60 -2.79
CA GLU A 115 -26.24 -13.03 -1.95
C GLU A 115 -25.79 -11.71 -1.32
N VAL A 116 -26.57 -10.67 -1.55
CA VAL A 116 -26.22 -9.35 -1.05
C VAL A 116 -27.01 -9.01 0.20
N VAL A 117 -26.29 -8.61 1.25
CA VAL A 117 -26.93 -8.12 2.46
C VAL A 117 -26.62 -6.64 2.66
N ARG A 118 -27.66 -5.81 2.67
CA ARG A 118 -27.48 -4.37 2.86
C ARG A 118 -27.57 -3.97 4.34
N GLU A 119 -26.50 -4.25 5.08
CA GLU A 119 -26.44 -3.94 6.49
C GLU A 119 -25.01 -3.61 6.89
N GLU A 120 -24.86 -2.79 7.93
CA GLU A 120 -23.56 -2.56 8.54
C GLU A 120 -23.19 -3.77 9.39
N VAL A 121 -22.01 -4.33 9.12
CA VAL A 121 -21.48 -5.43 9.94
C VAL A 121 -20.78 -4.83 11.15
N ARG A 122 -21.25 -5.19 12.33
CA ARG A 122 -20.77 -4.56 13.55
C ARG A 122 -19.85 -5.47 14.36
N GLU A 123 -19.91 -6.77 14.07
CA GLU A 123 -18.98 -7.74 14.65
C GLU A 123 -18.43 -8.59 13.50
N ILE A 124 -17.24 -9.13 13.66
CA ILE A 124 -16.70 -10.04 12.64
C ILE A 124 -17.62 -11.25 12.48
N PRO A 125 -18.12 -11.47 11.26
CA PRO A 125 -18.97 -12.63 10.98
C PRO A 125 -18.21 -13.94 11.20
N PRO A 126 -18.88 -14.98 11.71
CA PRO A 126 -18.20 -16.27 11.89
C PRO A 126 -18.00 -17.00 10.55
N GLY A 127 -17.13 -18.01 10.53
CA GLY A 127 -16.91 -18.78 9.32
C GLY A 127 -15.77 -18.24 8.47
N ILE A 128 -15.82 -18.51 7.17
CA ILE A 128 -14.79 -18.02 6.28
C ILE A 128 -15.21 -16.62 5.85
N THR A 129 -14.38 -15.62 6.17
CA THR A 129 -14.76 -14.21 6.01
C THR A 129 -13.61 -13.33 5.48
N VAL A 130 -13.90 -12.53 4.46
CA VAL A 130 -12.96 -11.55 3.93
C VAL A 130 -13.44 -10.15 4.36
N LEU A 131 -12.60 -9.43 5.09
CA LEU A 131 -12.94 -8.08 5.53
C LEU A 131 -12.30 -7.07 4.60
N ALA A 132 -13.10 -6.19 4.02
CA ALA A 132 -12.62 -5.28 3.00
C ALA A 132 -13.39 -3.98 3.06
N THR A 133 -13.40 -3.38 4.25
CA THR A 133 -14.26 -2.25 4.56
C THR A 133 -13.63 -0.87 4.31
N GLY A 134 -12.37 -0.85 3.91
CA GLY A 134 -11.79 0.39 3.38
C GLY A 134 -11.37 1.46 4.37
N PRO A 135 -10.93 2.62 3.85
CA PRO A 135 -10.41 3.72 4.67
C PRO A 135 -11.45 4.30 5.60
N LEU A 136 -12.73 4.14 5.24
CA LEU A 136 -13.82 4.63 6.08
C LEU A 136 -14.63 3.44 6.64
N THR A 137 -13.91 2.40 7.05
CA THR A 137 -14.49 1.30 7.79
C THR A 137 -15.36 1.83 8.93
N SER A 138 -16.57 1.30 9.09
CA SER A 138 -17.48 1.83 10.12
C SER A 138 -16.81 1.75 11.47
N GLU A 139 -17.07 2.74 12.32
CA GLU A 139 -16.46 2.77 13.63
C GLU A 139 -16.70 1.47 14.42
N ALA A 140 -17.90 0.90 14.32
CA ALA A 140 -18.20 -0.28 15.13
C ALA A 140 -17.34 -1.49 14.74
N LEU A 141 -17.16 -1.70 13.45
CA LEU A 141 -16.30 -2.81 13.02
C LEU A 141 -14.85 -2.53 13.37
N ALA A 142 -14.40 -1.30 13.18
CA ALA A 142 -13.06 -0.94 13.61
C ALA A 142 -12.84 -1.32 15.07
N GLU A 143 -13.79 -0.96 15.93
CA GLU A 143 -13.66 -1.26 17.36
C GLU A 143 -13.72 -2.76 17.64
N ALA A 144 -14.52 -3.50 16.86
CA ALA A 144 -14.54 -4.95 16.96
C ALA A 144 -13.17 -5.56 16.59
N LEU A 145 -12.54 -5.04 15.55
CA LEU A 145 -11.21 -5.51 15.18
C LEU A 145 -10.18 -5.21 16.29
N LYS A 146 -10.29 -4.07 16.93
CA LYS A 146 -9.38 -3.72 18.02
C LYS A 146 -9.60 -4.63 19.21
N ARG A 147 -10.86 -4.90 19.52
CA ARG A 147 -11.21 -5.73 20.66
C ARG A 147 -10.60 -7.08 20.44
N ARG A 148 -10.69 -7.57 19.20
CA ARG A 148 -10.28 -8.93 18.92
C ARG A 148 -8.78 -9.11 18.77
N PHE A 149 -8.11 -8.11 18.18
CA PHE A 149 -6.69 -8.27 17.87
C PHE A 149 -5.72 -7.32 18.59
N GLY A 150 -6.23 -6.33 19.30
CA GLY A 150 -5.36 -5.45 20.06
C GLY A 150 -5.47 -4.01 19.64
N ASP A 151 -5.52 -3.10 20.62
CA ASP A 151 -5.90 -1.74 20.30
C ASP A 151 -4.81 -0.89 19.66
N HIS A 152 -3.60 -1.43 19.52
CA HIS A 152 -2.60 -0.69 18.80
C HIS A 152 -2.37 -1.20 17.37
N PHE A 153 -3.12 -2.23 17.00
CA PHE A 153 -2.93 -2.84 15.68
C PHE A 153 -3.96 -2.37 14.65
N LEU A 154 -4.71 -1.33 14.98
CA LEU A 154 -5.52 -0.63 13.98
C LEU A 154 -5.36 0.87 14.17
N ALA A 155 -5.28 1.60 13.08
CA ALA A 155 -5.16 3.05 13.15
C ALA A 155 -6.29 3.70 12.36
N TYR A 156 -6.58 4.96 12.69
CA TYR A 156 -7.65 5.71 12.04
C TYR A 156 -7.09 6.81 11.12
N TYR A 157 -5.79 7.01 11.18
CA TYR A 157 -5.13 7.99 10.34
C TYR A 157 -3.77 7.44 9.95
N ASP A 158 -3.27 7.81 8.78
CA ASP A 158 -1.89 7.50 8.52
C ASP A 158 -1.02 8.76 8.70
N ALA A 159 0.28 8.55 8.79
CA ALA A 159 1.21 9.64 8.96
C ALA A 159 2.49 9.13 8.36
N ALA A 160 2.50 9.03 7.05
CA ALA A 160 3.58 8.35 6.35
C ALA A 160 4.66 9.32 5.89
N SER A 161 5.92 8.96 6.14
CA SER A 161 7.07 9.70 5.65
C SER A 161 7.48 9.13 4.30
N PRO A 162 8.20 9.93 3.50
CA PRO A 162 8.67 9.44 2.19
C PRO A 162 9.59 8.25 2.35
N ILE A 163 9.47 7.32 1.43
CA ILE A 163 10.33 6.15 1.39
C ILE A 163 11.17 6.19 0.10
N VAL A 164 12.47 5.98 0.24
CA VAL A 164 13.38 5.98 -0.90
C VAL A 164 14.01 4.61 -1.16
N LEU A 165 14.44 4.41 -2.39
CA LEU A 165 15.14 3.20 -2.79
C LEU A 165 16.57 3.22 -2.23
N TYR A 166 16.93 2.18 -1.48
CA TYR A 166 18.25 2.10 -0.85
C TYR A 166 19.38 2.22 -1.88
N GLU A 167 19.19 1.59 -3.05
CA GLU A 167 20.25 1.56 -4.05
C GLU A 167 20.48 2.94 -4.68
N SER A 168 19.55 3.87 -4.42
CA SER A 168 19.69 5.23 -4.96
C SER A 168 20.37 6.15 -3.96
N ILE A 169 20.66 5.62 -2.77
CA ILE A 169 21.31 6.41 -1.72
C ILE A 169 22.82 6.47 -1.93
N ASP A 170 23.39 7.67 -1.90
CA ASP A 170 24.86 7.78 -1.86
C ASP A 170 25.35 7.55 -0.44
N LEU A 171 25.79 6.32 -0.17
CA LEU A 171 26.14 5.90 1.18
C LEU A 171 27.44 6.51 1.72
N THR A 172 28.26 7.11 0.86
CA THR A 172 29.48 7.73 1.33
C THR A 172 29.18 8.94 2.21
N LYS A 173 27.96 9.46 2.10
CA LYS A 173 27.59 10.63 2.89
C LYS A 173 26.80 10.30 4.14
N CYS A 174 26.60 9.00 4.40
CA CYS A 174 25.85 8.57 5.57
C CYS A 174 26.69 7.73 6.52
N PHE A 175 26.10 7.39 7.66
CA PHE A 175 26.71 6.41 8.57
C PHE A 175 25.65 5.73 9.41
N ARG A 176 25.84 4.44 9.65
CA ARG A 176 24.92 3.66 10.46
C ARG A 176 25.19 3.99 11.90
N ALA A 177 24.12 4.16 12.66
CA ALA A 177 24.25 4.48 14.07
C ALA A 177 22.89 4.75 14.67
N GLY A 178 22.81 4.59 15.98
CA GLY A 178 21.65 5.00 16.74
C GLY A 178 22.16 5.79 17.91
N ARG A 179 21.26 6.45 18.62
CA ARG A 179 21.61 7.04 19.90
C ARG A 179 20.99 6.16 20.96
N TYR A 180 21.27 6.45 22.23
CA TYR A 180 20.66 5.69 23.31
C TYR A 180 19.14 5.88 23.28
N GLY A 181 18.44 4.77 23.09
CA GLY A 181 17.01 4.79 22.86
C GLY A 181 16.70 4.26 21.48
N GLN A 182 17.73 4.22 20.62
CA GLN A 182 17.57 3.80 19.23
C GLN A 182 18.37 2.54 18.90
N SER A 183 17.96 1.87 17.83
CA SER A 183 18.67 0.74 17.30
C SER A 183 19.87 1.25 16.50
N ALA A 184 20.99 0.54 16.55
CA ALA A 184 22.21 1.00 15.89
C ALA A 184 22.15 0.88 14.37
N ASP A 185 20.95 0.64 13.84
CA ASP A 185 20.82 0.33 12.43
C ASP A 185 20.14 1.41 11.59
N TYR A 186 19.96 2.61 12.15
CA TYR A 186 19.48 3.74 11.36
C TYR A 186 20.60 4.23 10.43
N LEU A 187 20.23 4.77 9.27
CA LEU A 187 21.19 5.46 8.43
C LEU A 187 21.09 6.94 8.76
N ASN A 188 22.23 7.61 8.93
CA ASN A 188 22.20 9.03 9.26
C ASN A 188 22.83 9.92 8.18
N CYS A 189 22.11 10.98 7.82
CA CYS A 189 22.57 11.95 6.84
C CYS A 189 22.87 13.24 7.57
N PRO A 190 24.15 13.50 7.83
CA PRO A 190 24.66 14.64 8.59
C PRO A 190 24.52 15.93 7.81
N MET A 191 24.17 17.02 8.47
CA MET A 191 24.20 18.32 7.81
C MET A 191 25.02 19.29 8.64
N THR A 192 25.72 20.18 7.94
CA THR A 192 26.40 21.32 8.55
C THR A 192 25.34 22.37 8.90
N GLU A 193 25.72 23.40 9.65
CA GLU A 193 24.76 24.44 10.00
CA GLU A 193 24.79 24.46 10.01
C GLU A 193 24.22 25.12 8.75
N GLU A 194 25.09 25.38 7.78
CA GLU A 194 24.64 26.08 6.58
C GLU A 194 23.69 25.23 5.73
N GLU A 195 23.95 23.93 5.68
CA GLU A 195 23.08 22.99 4.99
C GLU A 195 21.71 22.92 5.67
N TYR A 196 21.69 22.86 6.99
CA TYR A 196 20.42 22.88 7.71
C TYR A 196 19.65 24.18 7.46
N ARG A 197 20.36 25.31 7.52
CA ARG A 197 19.72 26.61 7.27
C ARG A 197 19.01 26.67 5.91
N ARG A 198 19.68 26.18 4.87
CA ARG A 198 19.05 26.24 3.57
C ARG A 198 17.92 25.22 3.46
N PHE A 199 18.09 24.07 4.12
CA PHE A 199 17.04 23.06 4.13
C PHE A 199 15.80 23.60 4.83
N HIS A 200 16.00 24.21 5.99
CA HIS A 200 14.87 24.74 6.74
C HIS A 200 14.08 25.74 5.92
N GLN A 201 14.78 26.64 5.23
CA GLN A 201 14.07 27.62 4.43
C GLN A 201 13.40 27.07 3.17
N ALA A 202 13.98 26.05 2.54
CA ALA A 202 13.32 25.42 1.40
C ALA A 202 12.03 24.76 1.88
N LEU A 203 12.06 24.22 3.08
CA LEU A 203 10.89 23.62 3.68
C LEU A 203 9.81 24.67 3.89
N LEU A 204 10.18 25.87 4.34
CA LEU A 204 9.19 26.95 4.46
C LEU A 204 8.55 27.26 3.10
N GLU A 205 9.34 27.19 2.03
CA GLU A 205 8.85 27.57 0.71
C GLU A 205 8.03 26.45 0.07
N ALA A 206 8.21 25.24 0.58
CA ALA A 206 7.53 24.06 0.03
C ALA A 206 6.05 24.09 0.33
N GLN A 207 5.70 24.69 1.46
CA GLN A 207 4.33 24.69 1.96
C GLN A 207 3.33 25.09 0.87
N CYS A 223 2.03 13.86 16.55
CA CYS A 223 2.54 13.59 15.21
C CYS A 223 2.37 14.79 14.27
N VAL A 224 3.31 15.72 14.35
CA VAL A 224 3.23 16.96 13.60
C VAL A 224 3.83 16.76 12.21
N PRO A 225 3.15 17.27 11.16
CA PRO A 225 3.78 17.29 9.82
C PRO A 225 5.08 18.07 9.86
N VAL A 226 6.10 17.53 9.21
CA VAL A 226 7.43 18.12 9.28
C VAL A 226 7.46 19.59 8.84
N GLU A 227 6.67 19.94 7.82
CA GLU A 227 6.65 21.32 7.33
C GLU A 227 6.06 22.26 8.38
N GLU A 228 5.17 21.72 9.21
CA GLU A 228 4.54 22.52 10.25
C GLU A 228 5.57 22.85 11.34
N LEU A 229 6.49 21.93 11.58
CA LEU A 229 7.57 22.18 12.55
C LEU A 229 8.49 23.29 12.06
N ALA A 230 8.85 23.26 10.77
CA ALA A 230 9.72 24.27 10.20
C ALA A 230 9.05 25.62 10.38
N ARG A 231 7.75 25.65 10.10
CA ARG A 231 6.96 26.88 10.14
C ARG A 231 6.98 27.52 11.53
N ARG A 232 7.17 26.70 12.55
CA ARG A 232 7.23 27.19 13.92
C ARG A 232 8.60 27.77 14.25
N GLY A 233 9.57 27.57 13.37
CA GLY A 233 10.86 28.17 13.57
C GLY A 233 12.08 27.31 13.26
N TYR A 234 13.21 27.98 13.17
CA TYR A 234 14.49 27.37 12.84
C TYR A 234 14.86 26.27 13.84
N GLN A 235 14.70 26.57 15.12
CA GLN A 235 15.08 25.67 16.20
C GLN A 235 14.20 24.43 16.28
N THR A 236 12.94 24.57 15.86
CA THR A 236 11.93 23.53 16.05
C THR A 236 12.32 22.17 15.49
N LEU A 237 12.77 22.13 14.24
CA LEU A 237 13.21 20.87 13.63
C LEU A 237 14.39 20.30 14.37
N LEU A 238 15.28 21.18 14.81
CA LEU A 238 16.52 20.75 15.48
C LEU A 238 16.24 20.12 16.83
N PHE A 239 15.15 20.54 17.47
CA PHE A 239 14.72 19.92 18.71
C PHE A 239 13.94 18.66 18.36
N GLY A 240 13.46 18.59 17.12
CA GLY A 240 12.64 17.48 16.67
C GLY A 240 13.39 16.37 15.95
N PRO A 241 12.90 15.97 14.76
CA PRO A 241 13.37 14.75 14.09
C PRO A 241 14.76 14.89 13.48
N MET A 242 15.31 16.10 13.51
CA MET A 242 16.64 16.32 12.95
C MET A 242 17.69 16.55 14.02
N LYS A 243 17.36 16.22 15.27
CA LYS A 243 18.30 16.41 16.37
C LYS A 243 19.42 15.37 16.31
N PRO A 244 20.67 15.84 16.41
CA PRO A 244 21.87 15.00 16.27
C PRO A 244 22.36 14.46 17.60
N VAL A 245 21.68 14.82 18.69
CA VAL A 245 22.11 14.42 20.02
C VAL A 245 22.43 12.93 20.10
N GLY A 246 23.57 12.60 20.69
CA GLY A 246 23.94 11.22 20.90
C GLY A 246 24.54 10.53 19.69
N LEU A 247 24.60 11.23 18.57
CA LEU A 247 25.18 10.68 17.34
C LEU A 247 26.60 11.17 17.14
N VAL A 248 27.42 10.36 16.48
CA VAL A 248 28.79 10.74 16.22
C VAL A 248 29.17 10.39 14.79
N ASP A 249 29.48 11.43 14.01
CA ASP A 249 29.92 11.21 12.65
C ASP A 249 31.32 10.58 12.66
N PRO A 250 31.46 9.36 12.12
CA PRO A 250 32.77 8.70 12.08
C PRO A 250 33.67 9.30 11.01
N ARG A 251 33.19 10.38 10.38
CA ARG A 251 33.93 11.02 9.31
C ARG A 251 34.52 12.33 9.85
N THR A 252 34.20 12.64 11.09
CA THR A 252 34.70 13.84 11.77
C THR A 252 34.98 13.58 13.26
N GLY A 253 34.53 12.43 13.75
CA GLY A 253 34.66 12.10 15.16
C GLY A 253 33.79 12.99 16.04
N LYS A 254 32.87 13.72 15.42
CA LYS A 254 32.02 14.65 16.16
C LYS A 254 30.53 14.50 15.87
N GLU A 255 29.71 14.96 16.82
CA GLU A 255 28.26 15.03 16.65
C GLU A 255 27.93 16.09 15.60
N PRO A 256 27.15 15.70 14.56
CA PRO A 256 26.83 16.61 13.46
C PRO A 256 25.91 17.73 13.95
N PHE A 257 25.86 18.85 13.22
CA PHE A 257 24.95 19.93 13.59
C PHE A 257 23.50 19.44 13.56
N ALA A 258 23.14 18.74 12.48
CA ALA A 258 21.80 18.19 12.30
C ALA A 258 21.88 16.89 11.49
N VAL A 259 20.84 16.06 11.59
CA VAL A 259 20.79 14.83 10.82
C VAL A 259 19.38 14.51 10.32
N VAL A 260 19.32 13.79 9.22
CA VAL A 260 18.09 13.17 8.76
C VAL A 260 18.35 11.68 8.86
N GLN A 261 17.55 10.98 9.65
CA GLN A 261 17.73 9.56 9.84
C GLN A 261 16.84 8.77 8.91
N LEU A 262 17.32 7.61 8.48
CA LEU A 262 16.51 6.70 7.68
C LEU A 262 16.41 5.33 8.35
N ARG A 263 15.24 4.70 8.25
CA ARG A 263 15.10 3.37 8.81
C ARG A 263 14.58 2.40 7.76
N GLN A 264 15.06 1.17 7.85
CA GLN A 264 14.67 0.14 6.91
C GLN A 264 13.20 -0.23 7.12
N GLU A 265 12.44 -0.27 6.03
CA GLU A 265 11.02 -0.58 6.10
C GLU A 265 10.69 -2.00 5.63
N ASP A 266 11.31 -2.46 4.56
CA ASP A 266 11.00 -3.80 4.06
C ASP A 266 11.99 -4.82 4.58
N LYS A 267 11.54 -6.07 4.65
CA LYS A 267 12.44 -7.17 5.00
C LYS A 267 13.70 -7.22 4.12
N ALA A 268 13.52 -7.05 2.81
CA ALA A 268 14.65 -7.13 1.87
C ALA A 268 15.62 -5.95 1.94
N GLY A 269 15.22 -4.86 2.58
CA GLY A 269 16.12 -3.74 2.75
C GLY A 269 16.26 -2.82 1.55
N ARG A 270 15.36 -2.94 0.58
CA ARG A 270 15.40 -2.06 -0.59
C ARG A 270 14.75 -0.71 -0.35
N MET A 271 13.97 -0.61 0.73
CA MET A 271 13.13 0.57 0.99
C MET A 271 13.37 1.14 2.39
N TRP A 272 13.76 2.40 2.44
CA TRP A 272 14.06 3.08 3.70
C TRP A 272 13.27 4.39 3.81
N SER A 273 12.69 4.66 4.96
CA SER A 273 11.92 5.89 5.13
C SER A 273 12.73 6.93 5.89
N LEU A 274 12.37 8.19 5.71
CA LEU A 274 12.93 9.29 6.48
C LEU A 274 12.21 9.45 7.81
N VAL A 275 12.94 9.25 8.90
CA VAL A 275 12.35 9.25 10.23
C VAL A 275 11.80 10.61 10.65
N GLY A 276 10.53 10.61 11.07
CA GLY A 276 9.89 11.82 11.54
C GLY A 276 9.56 12.79 10.41
N PHE A 277 9.60 12.31 9.17
CA PHE A 277 9.25 13.17 8.04
C PHE A 277 7.82 12.98 7.49
N GLN A 278 6.87 12.60 8.36
CA GLN A 278 5.46 12.63 7.99
C GLN A 278 5.17 13.99 7.40
N THR A 279 4.38 14.04 6.33
CA THR A 279 4.18 15.30 5.62
C THR A 279 2.92 15.30 4.77
N GLY A 280 2.39 16.48 4.50
CA GLY A 280 1.25 16.64 3.61
C GLY A 280 1.62 17.47 2.38
N LEU A 281 2.92 17.67 2.16
CA LEU A 281 3.42 18.45 1.03
C LEU A 281 3.05 17.76 -0.28
N LYS A 282 2.88 18.57 -1.32
CA LYS A 282 2.69 18.05 -2.66
C LYS A 282 3.91 17.21 -3.07
N TRP A 283 3.68 16.22 -3.92
CA TRP A 283 4.74 15.27 -4.27
C TRP A 283 5.97 15.87 -4.94
N PRO A 284 5.79 16.82 -5.89
CA PRO A 284 6.98 17.47 -6.45
C PRO A 284 7.78 18.28 -5.42
N GLU A 285 7.11 18.89 -4.43
CA GLU A 285 7.82 19.55 -3.34
C GLU A 285 8.63 18.56 -2.47
N GLN A 286 8.04 17.41 -2.16
CA GLN A 286 8.76 16.38 -1.41
C GLN A 286 10.03 15.97 -2.17
N LYS A 287 9.90 15.73 -3.47
CA LYS A 287 11.05 15.31 -4.27
C LYS A 287 12.16 16.34 -4.19
N ARG A 288 11.79 17.60 -4.42
CA ARG A 288 12.69 18.74 -4.39
C ARG A 288 13.46 18.82 -3.05
N LEU A 289 12.71 18.70 -1.96
CA LEU A 289 13.26 18.78 -0.61
C LEU A 289 14.20 17.64 -0.27
N ILE A 290 13.77 16.43 -0.58
CA ILE A 290 14.55 15.26 -0.24
C ILE A 290 15.90 15.27 -0.96
N GLN A 291 15.88 15.70 -2.21
CA GLN A 291 17.11 15.75 -2.99
C GLN A 291 18.07 16.86 -2.52
N MET A 292 17.69 17.59 -1.48
CA MET A 292 18.60 18.54 -0.84
C MET A 292 19.42 17.87 0.27
N ILE A 293 18.96 16.72 0.75
CA ILE A 293 19.60 16.04 1.88
C ILE A 293 20.86 15.28 1.47
N PRO A 294 21.97 15.50 2.18
CA PRO A 294 23.22 14.83 1.79
C PRO A 294 23.06 13.31 1.86
N GLY A 295 23.41 12.64 0.76
CA GLY A 295 23.20 11.22 0.64
C GLY A 295 21.99 10.93 -0.24
N LEU A 296 21.04 11.85 -0.27
CA LEU A 296 19.77 11.61 -0.96
C LEU A 296 19.59 12.48 -2.20
N GLU A 297 20.67 13.13 -2.65
CA GLU A 297 20.60 14.07 -3.78
C GLU A 297 19.94 13.48 -5.04
N ASN A 298 20.25 12.24 -5.39
CA ASN A 298 19.49 11.59 -6.46
C ASN A 298 18.72 10.37 -5.98
N ALA A 299 18.24 10.43 -4.75
CA ALA A 299 17.45 9.35 -4.19
C ALA A 299 16.16 9.23 -4.98
N GLU A 300 15.69 7.99 -5.14
CA GLU A 300 14.43 7.77 -5.80
C GLU A 300 13.35 7.49 -4.76
N ILE A 301 12.42 8.42 -4.64
CA ILE A 301 11.25 8.25 -3.78
C ILE A 301 10.29 7.27 -4.43
N VAL A 302 9.97 6.18 -3.74
CA VAL A 302 9.05 5.19 -4.28
C VAL A 302 7.68 5.21 -3.58
N ARG A 303 7.62 5.86 -2.43
CA ARG A 303 6.33 6.03 -1.74
C ARG A 303 6.35 7.39 -1.05
N TYR A 304 5.56 8.32 -1.58
CA TYR A 304 5.51 9.68 -1.04
C TYR A 304 4.79 9.77 0.30
N GLY A 305 5.16 10.78 1.09
CA GLY A 305 4.55 10.98 2.38
C GLY A 305 3.13 11.48 2.28
N VAL A 306 2.29 11.09 3.23
CA VAL A 306 0.92 11.57 3.30
C VAL A 306 0.47 11.49 4.74
N MET A 307 -0.51 12.31 5.10
CA MET A 307 -1.14 12.21 6.41
C MET A 307 -2.59 12.53 6.24
N HIS A 308 -3.46 11.55 6.48
CA HIS A 308 -4.88 11.78 6.32
C HIS A 308 -5.74 10.72 7.00
N ARG A 309 -7.02 11.02 7.11
CA ARG A 309 -7.99 10.06 7.60
C ARG A 309 -7.89 8.79 6.78
N ASN A 310 -7.70 7.66 7.46
CA ASN A 310 -7.43 6.39 6.80
C ASN A 310 -7.42 5.24 7.82
N THR A 311 -8.46 4.43 7.83
CA THR A 311 -8.49 3.25 8.73
C THR A 311 -7.78 2.06 8.09
N TYR A 312 -6.80 1.50 8.80
CA TYR A 312 -6.09 0.32 8.30
C TYR A 312 -5.50 -0.49 9.43
N LEU A 313 -5.24 -1.76 9.15
CA LEU A 313 -4.67 -2.66 10.13
C LEU A 313 -3.18 -2.63 10.00
N ASN A 314 -2.48 -2.94 11.09
CA ASN A 314 -1.05 -3.13 11.04
C ASN A 314 -0.75 -4.50 10.43
N ALA A 315 -0.63 -4.56 9.10
CA ALA A 315 -0.48 -5.86 8.44
C ALA A 315 0.71 -6.71 8.95
N PRO A 316 1.89 -6.10 9.12
CA PRO A 316 3.02 -6.91 9.59
C PRO A 316 2.78 -7.62 10.94
N ARG A 317 1.94 -7.04 11.80
CA ARG A 317 1.60 -7.66 13.07
C ARG A 317 0.47 -8.68 12.98
N LEU A 318 -0.25 -8.74 11.85
CA LEU A 318 -1.52 -9.45 11.81
C LEU A 318 -1.70 -10.44 10.66
N LEU A 319 -1.13 -10.15 9.51
CA LEU A 319 -1.47 -10.88 8.30
C LEU A 319 -0.30 -11.69 7.75
N GLY A 320 -0.63 -12.71 6.98
CA GLY A 320 0.37 -13.43 6.21
C GLY A 320 0.38 -12.92 4.78
N GLU A 321 1.35 -13.38 3.98
CA GLU A 321 1.44 -13.02 2.56
C GLU A 321 0.19 -13.48 1.80
N THR A 322 -0.51 -14.44 2.37
CA THR A 322 -1.74 -14.96 1.79
C THR A 322 -2.91 -14.02 2.07
N LEU A 323 -2.68 -13.04 2.93
CA LEU A 323 -3.70 -12.12 3.42
C LEU A 323 -4.65 -12.74 4.44
N GLU A 324 -4.39 -13.99 4.80
CA GLU A 324 -5.07 -14.63 5.92
C GLU A 324 -4.48 -14.13 7.22
N PHE A 325 -5.33 -13.86 8.21
CA PHE A 325 -4.84 -13.47 9.53
C PHE A 325 -3.98 -14.60 10.08
N ARG A 326 -2.79 -14.28 10.58
CA ARG A 326 -1.88 -15.29 11.12
C ARG A 326 -2.46 -16.04 12.33
N GLU A 327 -3.31 -15.37 13.10
CA GLU A 327 -3.83 -15.95 14.32
C GLU A 327 -5.35 -16.12 14.28
N ALA A 328 -5.92 -16.09 13.08
CA ALA A 328 -7.34 -16.36 12.91
C ALA A 328 -7.59 -17.05 11.58
N GLU A 329 -7.58 -18.38 11.59
CA GLU A 329 -7.70 -19.15 10.36
C GLU A 329 -9.03 -18.88 9.66
N GLY A 330 -9.00 -18.75 8.33
CA GLY A 330 -10.20 -18.49 7.57
C GLY A 330 -10.69 -17.06 7.65
N LEU A 331 -9.89 -16.17 8.25
CA LEU A 331 -10.20 -14.74 8.21
C LEU A 331 -9.15 -14.01 7.37
N TYR A 332 -9.61 -13.08 6.53
CA TYR A 332 -8.75 -12.37 5.60
C TYR A 332 -9.01 -10.86 5.65
N ALA A 333 -8.03 -10.08 5.25
CA ALA A 333 -8.27 -8.67 4.97
C ALA A 333 -7.77 -8.32 3.57
N ALA A 334 -8.43 -7.34 2.97
CA ALA A 334 -8.07 -6.86 1.65
C ALA A 334 -8.31 -5.35 1.58
N GLY A 335 -7.65 -4.71 0.62
CA GLY A 335 -7.83 -3.31 0.35
C GLY A 335 -7.14 -2.45 1.38
N VAL A 336 -7.60 -1.21 1.51
CA VAL A 336 -7.03 -0.27 2.46
C VAL A 336 -6.98 -0.84 3.88
N LEU A 337 -8.04 -1.54 4.29
CA LEU A 337 -8.05 -2.17 5.60
C LEU A 337 -6.81 -3.05 5.80
N ALA A 338 -6.37 -3.71 4.73
CA ALA A 338 -5.23 -4.61 4.85
C ALA A 338 -3.87 -3.90 4.80
N GLY A 339 -3.89 -2.58 4.64
CA GLY A 339 -2.67 -1.80 4.63
C GLY A 339 -2.13 -1.35 3.28
N VAL A 340 -2.95 -1.44 2.22
CA VAL A 340 -2.52 -0.88 0.94
C VAL A 340 -3.19 0.46 0.69
N GLU A 341 -2.80 1.08 -0.40
CA GLU A 341 -3.39 2.33 -0.86
C GLU A 341 -3.55 2.27 -2.36
N GLY A 342 -4.71 2.71 -2.87
CA GLY A 342 -4.94 2.73 -4.30
C GLY A 342 -6.05 1.81 -4.76
N TYR A 343 -6.76 2.22 -5.81
CA TYR A 343 -7.92 1.46 -6.27
C TYR A 343 -7.47 0.09 -6.73
N LEU A 344 -6.40 0.09 -7.51
CA LEU A 344 -5.91 -1.14 -8.13
C LEU A 344 -5.30 -2.08 -7.10
N GLU A 345 -4.47 -1.53 -6.21
CA GLU A 345 -3.89 -2.29 -5.10
C GLU A 345 -4.98 -2.93 -4.22
N SER A 346 -6.07 -2.20 -4.01
CA SER A 346 -7.19 -2.71 -3.23
C SER A 346 -7.84 -3.89 -3.95
N ALA A 347 -8.14 -3.72 -5.24
CA ALA A 347 -8.73 -4.78 -6.05
C ALA A 347 -7.84 -6.02 -6.10
N ALA A 348 -6.53 -5.80 -6.21
CA ALA A 348 -5.60 -6.92 -6.39
C ALA A 348 -5.44 -7.75 -5.11
N THR A 349 -5.48 -7.09 -3.96
CA THR A 349 -5.45 -7.80 -2.69
C THR A 349 -6.82 -8.46 -2.45
N GLY A 350 -7.88 -7.81 -2.91
CA GLY A 350 -9.21 -8.41 -2.92
C GLY A 350 -9.17 -9.73 -3.68
N PHE A 351 -8.59 -9.73 -4.87
CA PHE A 351 -8.43 -10.95 -5.65
C PHE A 351 -7.73 -12.08 -4.88
N LEU A 352 -6.57 -11.77 -4.30
CA LEU A 352 -5.81 -12.77 -3.56
C LEU A 352 -6.58 -13.29 -2.35
N ALA A 353 -7.15 -12.38 -1.55
CA ALA A 353 -7.88 -12.81 -0.37
C ALA A 353 -9.08 -13.68 -0.76
N GLY A 354 -9.75 -13.30 -1.84
CA GLY A 354 -10.87 -14.07 -2.36
C GLY A 354 -10.46 -15.44 -2.90
N LEU A 355 -9.30 -15.49 -3.54
CA LEU A 355 -8.71 -16.74 -4.03
C LEU A 355 -8.40 -17.70 -2.86
N ASN A 356 -7.75 -17.19 -1.83
CA ASN A 356 -7.42 -18.02 -0.67
C ASN A 356 -8.63 -18.39 0.18
N ALA A 357 -9.58 -17.47 0.30
CA ALA A 357 -10.83 -17.78 0.96
C ALA A 357 -11.56 -18.89 0.20
N ALA A 358 -11.56 -18.82 -1.12
CA ALA A 358 -12.21 -19.85 -1.92
C ALA A 358 -11.50 -21.18 -1.74
N ARG A 359 -10.19 -21.16 -1.82
CA ARG A 359 -9.39 -22.34 -1.57
C ARG A 359 -9.67 -22.96 -0.20
N LYS A 360 -9.80 -22.12 0.82
CA LYS A 360 -10.11 -22.59 2.18
C LYS A 360 -11.46 -23.31 2.20
N ALA A 361 -12.46 -22.70 1.59
CA ALA A 361 -13.79 -23.28 1.51
C ALA A 361 -13.74 -24.63 0.81
N LEU A 362 -12.75 -24.82 -0.06
CA LEU A 362 -12.60 -26.05 -0.83
C LEU A 362 -11.61 -27.02 -0.19
N GLY A 363 -11.18 -26.70 1.03
CA GLY A 363 -10.27 -27.56 1.76
C GLY A 363 -8.85 -27.57 1.22
N LEU A 364 -8.44 -26.48 0.57
CA LEU A 364 -7.10 -26.37 -0.01
C LEU A 364 -6.25 -25.35 0.73
N PRO A 365 -4.92 -25.56 0.74
CA PRO A 365 -3.99 -24.61 1.37
C PRO A 365 -3.87 -23.31 0.56
N PRO A 366 -3.51 -22.20 1.23
CA PRO A 366 -3.37 -20.86 0.64
C PRO A 366 -2.21 -20.77 -0.33
N VAL A 367 -2.23 -19.79 -1.22
CA VAL A 367 -1.12 -19.52 -2.11
C VAL A 367 -0.79 -18.03 -2.12
N ALA A 368 0.40 -17.69 -2.62
CA ALA A 368 0.78 -16.29 -2.81
C ALA A 368 1.65 -16.16 -4.08
N PRO A 369 1.44 -15.06 -4.84
CA PRO A 369 2.19 -14.82 -6.07
C PRO A 369 3.69 -14.68 -5.79
N PRO A 370 4.52 -14.81 -6.83
CA PRO A 370 5.97 -14.80 -6.61
C PRO A 370 6.52 -13.40 -6.35
N GLU A 371 7.73 -13.34 -5.77
CA GLU A 371 8.31 -12.07 -5.37
C GLU A 371 8.66 -11.11 -6.52
N GLU A 372 8.78 -11.65 -7.74
CA GLU A 372 9.02 -10.80 -8.92
C GLU A 372 7.77 -10.05 -9.37
N SER A 373 6.60 -10.58 -9.05
CA SER A 373 5.36 -9.93 -9.46
C SER A 373 5.05 -8.79 -8.51
N MET A 374 4.33 -7.79 -9.01
CA MET A 374 4.02 -6.62 -8.21
C MET A 374 3.07 -6.99 -7.08
N LEU A 375 2.05 -7.78 -7.40
CA LEU A 375 1.16 -8.22 -6.34
C LEU A 375 1.95 -9.05 -5.32
N GLY A 376 2.84 -9.92 -5.79
CA GLY A 376 3.67 -10.71 -4.89
C GLY A 376 4.55 -9.84 -3.99
N GLY A 377 5.18 -8.84 -4.58
CA GLY A 377 6.02 -7.92 -3.83
C GLY A 377 5.19 -7.14 -2.82
N LEU A 378 3.97 -6.76 -3.21
CA LEU A 378 3.10 -6.00 -2.35
C LEU A 378 2.66 -6.79 -1.08
N VAL A 379 2.23 -8.04 -1.25
CA VAL A 379 1.74 -8.80 -0.09
C VAL A 379 2.89 -9.27 0.82
N ARG A 380 4.06 -9.46 0.23
CA ARG A 380 5.25 -9.79 1.02
C ARG A 380 5.54 -8.62 1.94
N TYR A 381 5.42 -7.42 1.41
CA TYR A 381 5.66 -6.23 2.20
C TYR A 381 4.64 -6.09 3.33
N LEU A 382 3.36 -6.25 3.02
CA LEU A 382 2.32 -6.23 4.04
C LEU A 382 2.64 -7.22 5.17
N ALA A 383 3.09 -8.42 4.81
CA ALA A 383 3.30 -9.45 5.82
C ALA A 383 4.58 -9.30 6.62
N THR A 384 5.59 -8.63 6.07
CA THR A 384 6.91 -8.66 6.69
C THR A 384 7.59 -7.30 6.85
N ALA A 385 6.88 -6.22 6.56
CA ALA A 385 7.49 -4.89 6.69
C ALA A 385 7.74 -4.60 8.17
N ASN A 386 8.52 -3.57 8.45
CA ASN A 386 8.74 -3.09 9.81
C ASN A 386 7.40 -2.79 10.51
N PRO A 387 7.10 -3.50 11.60
CA PRO A 387 5.78 -3.36 12.25
C PRO A 387 5.65 -2.09 13.10
N GLU A 388 6.74 -1.53 13.59
CA GLU A 388 6.63 -0.36 14.47
C GLU A 388 6.24 0.87 13.64
N GLY A 389 5.06 1.42 13.90
CA GLY A 389 4.56 2.54 13.11
C GLY A 389 4.29 2.24 11.64
N PHE A 390 3.93 0.97 11.33
CA PHE A 390 3.62 0.59 9.95
C PHE A 390 2.68 1.58 9.27
N GLN A 391 3.02 1.97 8.04
CA GLN A 391 2.15 2.82 7.21
C GLN A 391 1.74 2.08 5.95
N PRO A 392 0.60 2.49 5.34
CA PRO A 392 0.06 1.89 4.11
C PRO A 392 1.04 1.94 2.93
N MET A 393 0.96 0.95 2.04
CA MET A 393 1.86 0.85 0.89
C MET A 393 1.09 0.79 -0.43
N TYR A 394 1.60 1.49 -1.45
CA TYR A 394 1.08 1.31 -2.80
C TYR A 394 2.13 0.67 -3.71
N ALA A 395 1.70 0.25 -4.91
CA ALA A 395 2.61 -0.39 -5.85
C ALA A 395 3.77 0.52 -6.23
N ASN A 396 4.99 -0.03 -6.18
CA ASN A 396 6.19 0.69 -6.55
C ASN A 396 7.34 -0.31 -6.76
N TRP A 397 8.40 0.13 -7.44
CA TRP A 397 9.48 -0.75 -7.84
C TRP A 397 10.38 -1.20 -6.67
N GLY A 398 10.25 -0.53 -5.53
CA GLY A 398 10.95 -0.97 -4.34
C GLY A 398 10.51 -2.34 -3.86
N LEU A 399 9.30 -2.75 -4.28
CA LEU A 399 8.68 -4.00 -3.79
C LEU A 399 9.26 -5.28 -4.38
N VAL A 400 9.99 -5.17 -5.49
CA VAL A 400 10.52 -6.35 -6.17
C VAL A 400 12.05 -6.27 -6.35
N PRO A 401 12.70 -7.43 -6.56
CA PRO A 401 14.17 -7.44 -6.75
C PRO A 401 14.55 -6.62 -7.97
N PRO A 402 15.72 -5.97 -7.94
CA PRO A 402 16.09 -5.17 -9.11
C PRO A 402 16.62 -6.07 -10.22
N VAL A 403 16.76 -5.51 -11.41
CA VAL A 403 17.46 -6.19 -12.49
C VAL A 403 18.90 -5.65 -12.55
N GLU A 404 19.88 -6.54 -12.54
CA GLU A 404 21.30 -6.15 -12.51
C GLU A 404 21.78 -5.58 -13.86
N GLY A 405 22.66 -4.58 -13.81
CA GLY A 405 23.30 -4.11 -15.03
C GLY A 405 23.74 -2.66 -15.11
N ARG A 406 24.30 -2.32 -16.26
CA ARG A 406 24.78 -0.95 -16.48
C ARG A 406 23.95 -0.20 -17.50
N MET A 407 22.90 -0.86 -18.01
CA MET A 407 21.95 -0.19 -18.90
C MET A 407 21.12 0.87 -18.15
N GLY A 408 20.47 1.75 -18.90
CA GLY A 408 19.70 2.85 -18.31
C GLY A 408 18.57 2.38 -17.40
N LYS A 409 18.09 3.30 -16.58
CA LYS A 409 17.00 3.04 -15.66
C LYS A 409 15.72 2.57 -16.36
N LYS A 410 15.34 3.23 -17.45
CA LYS A 410 14.14 2.83 -18.19
C LYS A 410 14.23 1.39 -18.68
N GLU A 411 15.38 1.00 -19.18
CA GLU A 411 15.57 -0.36 -19.69
C GLU A 411 15.50 -1.38 -18.56
N LYS A 412 16.07 -1.07 -17.40
CA LYS A 412 15.98 -1.95 -16.26
C LYS A 412 14.52 -2.14 -15.83
N ARG A 413 13.76 -1.05 -15.80
CA ARG A 413 12.39 -1.09 -15.32
C ARG A 413 11.48 -1.88 -16.28
N GLN A 414 11.65 -1.65 -17.58
CA GLN A 414 11.00 -2.49 -18.59
C GLN A 414 11.26 -3.97 -18.35
N ALA A 415 12.50 -4.31 -18.01
CA ALA A 415 12.88 -5.69 -17.74
C ALA A 415 12.16 -6.20 -16.51
N MET A 416 12.11 -5.37 -15.47
CA MET A 416 11.39 -5.73 -14.24
C MET A 416 9.92 -5.97 -14.55
N TYR A 417 9.35 -5.08 -15.36
CA TYR A 417 7.96 -5.26 -15.77
C TYR A 417 7.78 -6.61 -16.44
N ARG A 418 8.64 -6.94 -17.40
CA ARG A 418 8.47 -8.16 -18.20
C ARG A 418 8.66 -9.41 -17.35
N ARG A 419 9.68 -9.39 -16.52
CA ARG A 419 9.98 -10.49 -15.60
C ARG A 419 8.85 -10.72 -14.60
N GLY A 420 8.27 -9.64 -14.08
CA GLY A 420 7.19 -9.76 -13.12
C GLY A 420 5.91 -10.31 -13.74
N LEU A 421 5.55 -9.80 -14.92
CA LEU A 421 4.35 -10.26 -15.59
C LEU A 421 4.50 -11.72 -16.02
N GLU A 422 5.69 -12.09 -16.45
CA GLU A 422 5.97 -13.48 -16.76
C GLU A 422 5.88 -14.40 -15.52
N ALA A 423 6.47 -13.98 -14.41
CA ALA A 423 6.39 -14.79 -13.19
C ALA A 423 4.94 -14.90 -12.76
N PHE A 424 4.20 -13.81 -12.85
CA PHE A 424 2.80 -13.84 -12.43
C PHE A 424 1.95 -14.76 -13.30
N SER A 425 2.16 -14.70 -14.62
CA SER A 425 1.40 -15.54 -15.54
C SER A 425 1.68 -17.03 -15.30
N ALA A 426 2.94 -17.36 -15.03
CA ALA A 426 3.28 -18.75 -14.77
C ALA A 426 2.60 -19.21 -13.48
N TRP A 427 2.65 -18.36 -12.47
CA TRP A 427 2.00 -18.63 -11.20
C TRP A 427 0.52 -18.94 -11.44
N LEU A 428 -0.17 -18.07 -12.17
CA LEU A 428 -1.58 -18.28 -12.50
C LEU A 428 -1.81 -19.64 -13.17
N SER A 429 -0.98 -19.95 -14.16
CA SER A 429 -1.05 -21.20 -14.89
C SER A 429 -0.88 -22.42 -14.00
N GLY A 430 -0.07 -22.28 -12.96
CA GLY A 430 0.16 -23.38 -12.05
C GLY A 430 -0.96 -23.61 -11.05
N LEU A 431 -1.96 -22.72 -11.04
CA LEU A 431 -3.01 -22.79 -10.03
C LEU A 431 -3.86 -24.05 -10.13
N ASN A 432 -4.08 -24.69 -8.99
CA ASN A 432 -4.78 -25.96 -8.91
C ASN A 432 -5.75 -25.93 -7.74
N PRO A 433 -7.04 -25.69 -8.01
CA PRO A 433 -7.70 -25.54 -9.32
C PRO A 433 -7.41 -24.21 -9.98
N PRO A 434 -7.49 -24.17 -11.32
CA PRO A 434 -7.24 -22.93 -12.04
C PRO A 434 -8.47 -22.05 -12.10
N LEU A 435 -8.22 -20.74 -12.21
CA LEU A 435 -9.28 -19.77 -12.46
C LEU A 435 -9.76 -19.96 -13.89
N PRO A 436 -11.09 -19.97 -14.08
CA PRO A 436 -11.66 -20.11 -15.42
C PRO A 436 -11.34 -18.89 -16.30
N ARG A 437 -11.30 -19.10 -17.61
CA ARG A 437 -11.13 -17.97 -18.53
C ARG A 437 -12.33 -17.04 -18.40
N PRO A 438 -12.09 -15.72 -18.52
CA PRO A 438 -13.17 -14.73 -18.49
C PRO A 438 -14.14 -14.91 -19.65
PA FAD B . -13.75 1.03 -0.39
O1A FAD B . -14.08 2.29 0.37
O2A FAD B . -13.74 1.21 -1.88
O5B FAD B . -14.79 -0.13 0.02
C5B FAD B . -15.15 -0.37 1.38
C4B FAD B . -16.65 -0.66 1.47
O4B FAD B . -17.02 -1.20 2.72
C3B FAD B . -17.47 0.62 1.28
O3B FAD B . -18.39 0.39 0.24
C2B FAD B . -18.16 0.82 2.62
O2B FAD B . -19.47 1.31 2.52
C1B FAD B . -18.20 -0.58 3.20
N9A FAD B . -18.21 -0.68 4.66
C8A FAD B . -17.43 -0.01 5.58
N7A FAD B . -17.75 -0.47 6.81
C5A FAD B . -18.70 -1.43 6.71
C6A FAD B . -19.37 -2.21 7.64
N6A FAD B . -19.02 -2.23 8.92
N1A FAD B . -20.30 -3.11 7.20
C2A FAD B . -20.58 -3.22 5.86
N3A FAD B . -19.92 -2.45 4.94
C4A FAD B . -18.99 -1.56 5.35
N1 FAD B . -7.30 5.80 -4.36
C2 FAD B . -6.69 6.05 -5.57
O2 FAD B . -6.09 5.15 -6.14
N3 FAD B . -6.77 7.29 -6.16
C4 FAD B . -7.46 8.30 -5.52
O4 FAD B . -7.53 9.42 -6.01
C4X FAD B . -8.06 8.06 -4.30
N5 FAD B . -8.74 9.07 -3.66
C5X FAD B . -9.35 8.85 -2.45
C6 FAD B . -10.04 9.89 -1.83
C7 FAD B . -10.68 9.67 -0.61
C7M FAD B . -11.41 10.80 0.07
C8 FAD B . -10.61 8.42 -0.01
C8M FAD B . -11.30 8.21 1.32
C9 FAD B . -9.92 7.37 -0.64
C9A FAD B . -9.28 7.57 -1.86
N10 FAD B . -8.58 6.54 -2.48
C10 FAD B . -7.99 6.79 -3.71
C1' FAD B . -7.87 5.53 -1.61
C2' FAD B . -8.35 4.09 -1.84
O2' FAD B . -7.60 3.49 -2.90
C3' FAD B . -9.85 4.00 -2.13
O3' FAD B . -10.53 4.42 -0.96
C4' FAD B . -10.31 2.59 -2.57
O4' FAD B . -11.68 2.55 -2.92
C5' FAD B . -10.06 1.56 -1.47
O5' FAD B . -10.69 0.33 -1.79
P FAD B . -11.40 -0.52 -0.63
O1P FAD B . -10.34 -1.00 0.34
O2P FAD B . -12.17 -1.64 -1.27
O3P FAD B . -12.33 0.51 0.19
C1 MRD C . 12.31 -4.14 8.32
C2 MRD C . 12.51 -5.08 9.52
O2 MRD C . 11.77 -4.60 10.66
CM MRD C . 11.93 -6.44 9.14
C3 MRD C . 13.98 -5.22 9.89
C4 MRD C . 14.68 -4.03 10.56
O4 MRD C . 15.11 -4.41 11.85
C5 MRD C . 13.85 -2.77 10.71
#